data_3NOB
#
_entry.id   3NOB
#
_cell.length_a   155.597
_cell.length_b   56.059
_cell.length_c   65.772
_cell.angle_alpha   90.00
_cell.angle_beta   95.21
_cell.angle_gamma   90.00
#
_symmetry.space_group_name_H-M   'C 1 2 1'
#
loop_
_entity.id
_entity.type
_entity.pdbx_description
1 polymer Ubiquitin
2 non-polymer 'SULFATE ION'
3 water water
#
_entity_poly.entity_id   1
_entity_poly.type   'polypeptide(L)'
_entity_poly.pdbx_seq_one_letter_code
;SHMQIFVKTLTGKTITLEVEPSDTIENVKAKIQDKEGIPPDQQRLIFAGKQLEDGRTLSDYNIQKESTLHLVLRLRGG
;
_entity_poly.pdbx_strand_id   A,B,C,D,E,F,G,H
#
loop_
_chem_comp.id
_chem_comp.type
_chem_comp.name
_chem_comp.formula
SO4 non-polymer 'SULFATE ION' 'O4 S -2'
#
# COMPACT_ATOMS: atom_id res chain seq x y z
N SER A 1 26.52 -21.36 -15.38
CA SER A 1 26.13 -21.88 -14.07
C SER A 1 25.84 -20.74 -13.10
N HIS A 2 26.81 -19.87 -12.90
CA HIS A 2 26.72 -18.77 -11.96
C HIS A 2 26.98 -17.43 -12.61
N MET A 3 26.46 -16.37 -12.02
CA MET A 3 26.70 -15.05 -12.52
C MET A 3 26.60 -13.99 -11.44
N GLN A 4 27.18 -12.85 -11.69
CA GLN A 4 27.12 -11.79 -10.74
C GLN A 4 26.02 -10.84 -11.12
N ILE A 5 25.29 -10.38 -10.13
CA ILE A 5 24.32 -9.34 -10.28
C ILE A 5 24.54 -8.26 -9.26
N PHE A 6 23.99 -7.10 -9.53
CA PHE A 6 24.07 -6.02 -8.56
C PHE A 6 22.68 -5.79 -7.99
N VAL A 7 22.62 -5.50 -6.70
CA VAL A 7 21.39 -5.04 -6.09
C VAL A 7 21.68 -3.67 -5.49
N LYS A 8 20.95 -2.67 -5.98
CA LYS A 8 21.21 -1.29 -5.60
C LYS A 8 20.00 -0.61 -4.96
N THR A 9 20.24 0.09 -3.87
CA THR A 9 19.24 0.96 -3.27
C THR A 9 19.14 2.21 -4.12
N LEU A 10 18.28 3.14 -3.73
CA LEU A 10 18.07 4.35 -4.52
C LEU A 10 19.13 5.42 -4.26
N THR A 11 20.00 5.18 -3.28
CA THR A 11 21.12 6.09 -3.02
C THR A 11 22.34 5.69 -3.84
N GLY A 12 22.27 4.52 -4.46
CA GLY A 12 23.37 4.00 -5.26
C GLY A 12 24.21 2.99 -4.50
N LYS A 13 23.91 2.85 -3.21
CA LYS A 13 24.56 1.84 -2.40
C LYS A 13 24.30 0.47 -3.02
N THR A 14 25.33 -0.34 -3.16
CA THR A 14 25.24 -1.51 -3.98
C THR A 14 25.70 -2.71 -3.25
N ILE A 15 25.09 -3.83 -3.55
CA ILE A 15 25.60 -5.09 -3.12
C ILE A 15 25.73 -6.02 -4.27
N THR A 16 26.76 -6.85 -4.28
CA THR A 16 26.97 -7.81 -5.31
C THR A 16 26.49 -9.19 -4.90
N LEU A 17 26.00 -9.97 -5.84
CA LEU A 17 25.52 -11.30 -5.51
C LEU A 17 25.91 -12.28 -6.61
N GLU A 18 26.30 -13.48 -6.21
CA GLU A 18 26.47 -14.57 -7.16
C GLU A 18 25.18 -15.39 -7.17
N VAL A 19 24.60 -15.52 -8.35
CA VAL A 19 23.32 -16.22 -8.47
C VAL A 19 23.33 -17.16 -9.66
N GLU A 20 22.25 -17.94 -9.76
CA GLU A 20 21.99 -18.77 -10.93
C GLU A 20 20.73 -18.24 -11.59
N PRO A 21 20.64 -18.37 -12.93
CA PRO A 21 19.44 -17.95 -13.65
C PRO A 21 18.20 -18.66 -13.13
N SER A 22 18.41 -19.83 -12.52
CA SER A 22 17.31 -20.66 -12.03
C SER A 22 16.91 -20.31 -10.60
N ASP A 23 17.65 -19.41 -9.98
CA ASP A 23 17.32 -18.95 -8.63
C ASP A 23 16.00 -18.17 -8.65
N THR A 24 15.18 -18.38 -7.62
CA THR A 24 13.94 -17.63 -7.51
C THR A 24 14.22 -16.26 -6.92
N ILE A 25 13.27 -15.34 -7.10
CA ILE A 25 13.37 -14.01 -6.53
C ILE A 25 13.46 -14.11 -5.02
N GLU A 26 12.73 -15.08 -4.45
CA GLU A 26 12.78 -15.36 -3.02
C GLU A 26 14.18 -15.83 -2.60
N ASN A 27 14.83 -16.59 -3.47
CA ASN A 27 16.21 -17.02 -3.22
C ASN A 27 17.14 -15.82 -3.16
N VAL A 28 16.88 -14.85 -4.02
CA VAL A 28 17.69 -13.65 -4.04
C VAL A 28 17.48 -12.85 -2.77
N LYS A 29 16.22 -12.71 -2.36
CA LYS A 29 15.90 -12.00 -1.12
C LYS A 29 16.58 -12.66 0.08
N ALA A 30 16.57 -13.99 0.10
CA ALA A 30 17.20 -14.73 1.19
C ALA A 30 18.72 -14.56 1.19
N LYS A 31 19.31 -14.40 0.00
CA LYS A 31 20.74 -14.13 -0.12
C LYS A 31 21.06 -12.72 0.37
N ILE A 32 20.14 -11.80 0.12
CA ILE A 32 20.29 -10.44 0.59
C ILE A 32 20.20 -10.40 2.11
N GLN A 33 19.29 -11.19 2.67
CA GLN A 33 19.19 -11.28 4.12
C GLN A 33 20.49 -11.87 4.69
N ASP A 34 21.03 -12.87 4.00
CA ASP A 34 22.26 -13.52 4.43
C ASP A 34 23.43 -12.54 4.44
N LYS A 35 23.37 -11.54 3.58
CA LYS A 35 24.47 -10.59 3.44
C LYS A 35 24.21 -9.37 4.34
N GLU A 36 22.97 -8.90 4.39
CA GLU A 36 22.65 -7.60 4.97
C GLU A 36 21.79 -7.68 6.22
N GLY A 37 21.13 -8.81 6.45
CA GLY A 37 20.26 -8.96 7.61
C GLY A 37 18.88 -8.35 7.40
N ILE A 38 18.57 -7.97 6.17
CA ILE A 38 17.25 -7.44 5.85
C ILE A 38 16.31 -8.58 5.49
N PRO A 39 15.27 -8.79 6.32
CA PRO A 39 14.31 -9.87 6.06
C PRO A 39 13.64 -9.70 4.69
N PRO A 40 13.29 -10.80 4.07
CA PRO A 40 12.65 -10.80 2.76
C PRO A 40 11.39 -9.93 2.65
N ASP A 41 10.61 -9.86 3.72
CA ASP A 41 9.38 -9.14 3.77
C ASP A 41 9.54 -7.67 3.72
N GLN A 42 10.65 -7.18 4.21
CA GLN A 42 10.99 -5.80 4.06
C GLN A 42 11.55 -5.55 2.65
N GLN A 43 11.79 -6.50 1.79
CA GLN A 43 12.44 -6.17 0.54
C GLN A 43 11.50 -6.15 -0.66
N ARG A 44 11.47 -5.09 -1.45
CA ARG A 44 10.84 -5.23 -2.76
C ARG A 44 11.93 -5.09 -3.81
N LEU A 45 11.98 -6.05 -4.73
CA LEU A 45 13.00 -6.04 -5.76
C LEU A 45 12.43 -5.61 -7.10
N ILE A 46 13.20 -4.79 -7.81
CA ILE A 46 12.76 -4.22 -9.07
C ILE A 46 13.78 -4.44 -10.19
N PHE A 47 13.30 -4.83 -11.37
CA PHE A 47 14.12 -4.92 -12.56
C PHE A 47 13.32 -4.58 -13.82
N ALA A 48 13.85 -3.68 -14.64
CA ALA A 48 13.19 -3.25 -15.86
C ALA A 48 11.76 -2.80 -15.62
N GLY A 49 11.55 -2.07 -14.53
CA GLY A 49 10.27 -1.47 -14.23
C GLY A 49 9.15 -2.44 -13.90
N LYS A 50 9.52 -3.63 -13.46
CA LYS A 50 8.51 -4.65 -13.16
C LYS A 50 8.89 -5.06 -11.75
N GLN A 51 7.95 -4.95 -10.81
CA GLN A 51 8.05 -5.53 -9.48
C GLN A 51 8.22 -7.04 -9.56
N LEU A 52 9.27 -7.55 -8.92
CA LEU A 52 9.62 -8.97 -9.02
C LEU A 52 8.86 -9.84 -8.02
N GLU A 53 8.36 -10.96 -8.51
CA GLU A 53 7.52 -11.83 -7.69
C GLU A 53 8.31 -13.01 -7.12
N ASP A 54 8.11 -13.26 -5.83
CA ASP A 54 8.90 -14.23 -5.08
C ASP A 54 9.05 -15.59 -5.75
N GLY A 55 8.00 -16.04 -6.43
CA GLY A 55 7.96 -17.39 -6.94
C GLY A 55 8.66 -17.60 -8.28
N ARG A 56 8.82 -16.52 -9.03
CA ARG A 56 9.45 -16.60 -10.34
C ARG A 56 10.97 -16.61 -10.23
N THR A 57 11.63 -16.99 -11.32
CA THR A 57 13.10 -17.07 -11.35
C THR A 57 13.70 -15.85 -12.03
N LEU A 58 15.02 -15.75 -11.97
CA LEU A 58 15.74 -14.66 -12.62
C LEU A 58 15.63 -14.75 -14.14
N SER A 59 15.66 -15.98 -14.65
CA SER A 59 15.56 -16.22 -16.09
C SER A 59 14.19 -15.83 -16.62
N ASP A 60 13.17 -15.92 -15.77
CA ASP A 60 11.82 -15.51 -16.13
C ASP A 60 11.79 -14.03 -16.51
N TYR A 61 12.66 -13.25 -15.87
CA TYR A 61 12.74 -11.82 -16.15
C TYR A 61 13.89 -11.48 -17.08
N ASN A 62 14.57 -12.52 -17.54
CA ASN A 62 15.72 -12.37 -18.43
C ASN A 62 16.80 -11.50 -17.79
N ILE A 63 17.04 -11.74 -16.50
CA ILE A 63 18.10 -11.07 -15.78
C ILE A 63 19.43 -11.74 -16.12
N GLN A 64 20.34 -10.96 -16.70
CA GLN A 64 21.60 -11.48 -17.22
C GLN A 64 22.75 -11.15 -16.27
N LYS A 65 23.94 -11.61 -16.61
CA LYS A 65 25.11 -11.34 -15.79
C LYS A 65 25.39 -9.84 -15.74
N GLU A 66 25.76 -9.37 -14.55
CA GLU A 66 26.06 -7.96 -14.33
C GLU A 66 24.82 -7.06 -14.40
N SER A 67 23.64 -7.67 -14.53
CA SER A 67 22.39 -6.92 -14.46
C SER A 67 22.23 -6.25 -13.11
N THR A 68 21.51 -5.13 -13.06
CA THR A 68 21.26 -4.46 -11.80
C THR A 68 19.79 -4.50 -11.41
N LEU A 69 19.50 -5.07 -10.25
CA LEU A 69 18.17 -4.99 -9.65
C LEU A 69 18.16 -3.85 -8.65
N HIS A 70 17.02 -3.20 -8.51
CA HIS A 70 16.87 -2.16 -7.49
C HIS A 70 16.18 -2.71 -6.26
N LEU A 71 16.63 -2.28 -5.09
CA LEU A 71 16.04 -2.71 -3.83
C LEU A 71 15.34 -1.54 -3.19
N VAL A 72 14.10 -1.77 -2.75
CA VAL A 72 13.29 -0.74 -2.11
C VAL A 72 12.74 -1.26 -0.79
N LEU A 73 12.71 -0.40 0.23
CA LEU A 73 12.21 -0.78 1.54
C LEU A 73 10.68 -0.91 1.48
N ARG A 74 10.13 -1.98 2.03
CA ARG A 74 8.69 -2.19 2.15
C ARG A 74 8.21 -1.84 3.52
N LEU A 75 7.31 -0.90 3.60
CA LEU A 75 6.77 -0.44 4.88
C LEU A 75 5.48 -1.16 5.28
N ARG A 76 5.16 -1.08 6.56
CA ARG A 76 3.93 -1.60 7.13
C ARG A 76 2.75 -0.69 6.89
N GLY A 77 1.53 -1.22 6.92
CA GLY A 77 0.33 -0.40 6.83
C GLY A 77 0.32 0.45 5.57
N MET B 3 5.32 17.87 19.09
CA MET B 3 6.52 17.81 18.27
C MET B 3 6.42 16.68 17.26
N GLN B 4 5.69 16.93 16.17
CA GLN B 4 5.46 15.94 15.13
C GLN B 4 6.42 16.12 13.96
N ILE B 5 7.43 15.26 13.88
CA ILE B 5 8.34 15.27 12.75
C ILE B 5 7.94 14.21 11.74
N PHE B 6 8.50 14.31 10.53
CA PHE B 6 8.20 13.37 9.48
C PHE B 6 9.47 12.63 9.07
N VAL B 7 9.31 11.37 8.65
CA VAL B 7 10.43 10.60 8.14
C VAL B 7 10.07 10.09 6.75
N LYS B 8 10.86 10.48 5.76
CA LYS B 8 10.52 10.23 4.37
C LYS B 8 11.44 9.19 3.76
N THR B 9 10.86 8.19 3.13
CA THR B 9 11.63 7.16 2.43
C THR B 9 11.94 7.60 1.01
N LEU B 10 12.74 6.82 0.31
CA LEU B 10 13.15 7.16 -1.05
C LEU B 10 12.08 6.81 -2.10
N THR B 11 10.90 6.42 -1.64
CA THR B 11 9.83 6.03 -2.56
C THR B 11 8.60 6.92 -2.42
N GLY B 12 8.72 7.97 -1.61
CA GLY B 12 7.62 8.90 -1.41
C GLY B 12 6.88 8.70 -0.10
N LYS B 13 6.84 7.45 0.36
CA LYS B 13 6.13 7.13 1.59
C LYS B 13 6.75 7.86 2.79
N THR B 14 5.89 8.42 3.63
CA THR B 14 6.34 9.19 4.77
C THR B 14 5.60 8.80 6.04
N ILE B 15 6.34 8.58 7.12
CA ILE B 15 5.72 8.28 8.41
C ILE B 15 5.87 9.45 9.36
N THR B 16 4.94 9.56 10.31
CA THR B 16 4.98 10.64 11.30
C THR B 16 5.41 10.09 12.64
N LEU B 17 6.21 10.87 13.37
CA LEU B 17 6.67 10.47 14.69
C LEU B 17 6.42 11.58 15.71
N GLU B 18 5.91 11.19 16.87
CA GLU B 18 5.87 12.10 18.01
C GLU B 18 7.17 11.93 18.80
N VAL B 19 7.95 13.01 18.87
CA VAL B 19 9.26 12.98 19.49
C VAL B 19 9.45 14.19 20.40
N GLU B 20 10.27 14.04 21.44
CA GLU B 20 10.58 15.17 22.33
C GLU B 20 11.95 15.73 22.01
N PRO B 21 12.12 17.04 22.25
CA PRO B 21 13.34 17.78 21.90
C PRO B 21 14.60 17.07 22.37
N SER B 22 14.56 16.41 23.53
CA SER B 22 15.74 15.77 24.10
C SER B 22 16.10 14.45 23.42
N ASP B 23 15.14 13.86 22.72
CA ASP B 23 15.35 12.57 22.06
C ASP B 23 16.60 12.55 21.18
N THR B 24 17.39 11.49 21.30
CA THR B 24 18.57 11.32 20.47
C THR B 24 18.15 10.76 19.12
N ILE B 25 19.08 10.79 18.15
CA ILE B 25 18.80 10.21 16.85
C ILE B 25 18.56 8.71 17.01
N GLU B 26 19.30 8.10 17.94
CA GLU B 26 19.12 6.67 18.23
C GLU B 26 17.70 6.40 18.71
N ASN B 27 17.20 7.27 19.57
CA ASN B 27 15.81 7.18 20.00
C ASN B 27 14.88 7.20 18.79
N VAL B 28 15.14 8.12 17.88
CA VAL B 28 14.36 8.24 16.66
C VAL B 28 14.39 6.95 15.85
N LYS B 29 15.55 6.31 15.78
CA LYS B 29 15.69 5.06 15.04
C LYS B 29 14.92 3.92 15.73
N ALA B 30 14.84 3.98 17.05
CA ALA B 30 14.08 2.98 17.81
C ALA B 30 12.60 3.13 17.50
N LYS B 31 12.13 4.37 17.45
CA LYS B 31 10.73 4.64 17.14
C LYS B 31 10.39 4.16 15.73
N ILE B 32 11.34 4.30 14.82
CA ILE B 32 11.15 3.82 13.46
C ILE B 32 11.10 2.29 13.42
N GLN B 33 11.90 1.64 14.27
CA GLN B 33 11.84 0.19 14.35
C GLN B 33 10.48 -0.27 14.88
N ASP B 34 9.95 0.51 15.83
CA ASP B 34 8.66 0.22 16.45
C ASP B 34 7.52 0.27 15.42
N LYS B 35 7.72 1.06 14.37
CA LYS B 35 6.69 1.26 13.37
C LYS B 35 6.91 0.42 12.12
N GLU B 36 8.16 0.11 11.82
CA GLU B 36 8.51 -0.47 10.53
C GLU B 36 9.27 -1.79 10.64
N GLY B 37 9.77 -2.10 11.83
CA GLY B 37 10.53 -3.32 12.04
C GLY B 37 11.94 -3.27 11.48
N ILE B 38 12.41 -2.08 11.13
CA ILE B 38 13.77 -1.91 10.63
C ILE B 38 14.73 -1.64 11.78
N PRO B 39 15.66 -2.58 12.03
CA PRO B 39 16.67 -2.38 13.08
C PRO B 39 17.39 -1.06 12.89
N PRO B 40 17.76 -0.39 13.98
CA PRO B 40 18.45 0.90 13.89
C PRO B 40 19.76 0.82 13.11
N ASP B 41 20.49 -0.28 13.25
CA ASP B 41 21.77 -0.43 12.57
C ASP B 41 21.61 -0.51 11.05
N GLN B 42 20.39 -0.75 10.59
CA GLN B 42 20.12 -0.81 9.15
C GLN B 42 19.56 0.51 8.65
N GLN B 43 19.56 1.51 9.52
CA GLN B 43 18.98 2.80 9.18
C GLN B 43 20.02 3.91 9.07
N ARG B 44 19.96 4.67 7.99
CA ARG B 44 20.67 5.93 7.91
C ARG B 44 19.66 7.07 7.84
N LEU B 45 19.81 8.05 8.72
CA LEU B 45 18.92 9.20 8.75
C LEU B 45 19.66 10.44 8.27
N ILE B 46 19.03 11.19 7.37
CA ILE B 46 19.61 12.41 6.86
C ILE B 46 18.72 13.61 7.13
N PHE B 47 19.32 14.72 7.52
CA PHE B 47 18.60 15.98 7.67
C PHE B 47 19.47 17.12 7.14
N ALA B 48 18.89 17.93 6.28
CA ALA B 48 19.60 19.06 5.69
C ALA B 48 20.92 18.60 5.06
N GLY B 49 20.86 17.49 4.33
CA GLY B 49 22.03 16.97 3.63
C GLY B 49 23.06 16.34 4.55
N LYS B 50 22.81 16.45 5.86
CA LYS B 50 23.72 15.88 6.86
C LYS B 50 23.35 14.44 7.21
N GLN B 51 24.35 13.59 7.37
CA GLN B 51 24.15 12.26 7.93
C GLN B 51 24.10 12.39 9.45
N LEU B 52 22.99 11.98 10.04
CA LEU B 52 22.78 12.18 11.47
C LEU B 52 23.51 11.14 12.33
N GLU B 53 24.00 11.57 13.48
CA GLU B 53 24.73 10.68 14.38
C GLU B 53 23.84 10.23 15.54
N ASP B 54 23.96 8.94 15.88
CA ASP B 54 23.07 8.33 16.88
C ASP B 54 23.06 9.04 18.23
N GLY B 55 24.24 9.45 18.70
CA GLY B 55 24.39 10.00 20.02
C GLY B 55 23.79 11.38 20.22
N ARG B 56 23.64 12.15 19.16
CA ARG B 56 23.15 13.51 19.25
C ARG B 56 21.63 13.58 19.32
N THR B 57 21.12 14.72 19.79
CA THR B 57 19.68 14.91 19.92
C THR B 57 19.12 15.70 18.74
N LEU B 58 17.80 15.82 18.68
CA LEU B 58 17.14 16.54 17.59
C LEU B 58 17.39 18.04 17.67
N SER B 59 17.70 18.53 18.87
CA SER B 59 17.94 19.95 19.07
C SER B 59 19.36 20.34 18.67
N ASP B 60 20.28 19.38 18.75
CA ASP B 60 21.65 19.57 18.31
C ASP B 60 21.69 19.72 16.79
N TYR B 61 20.62 19.32 16.13
CA TYR B 61 20.51 19.48 14.67
C TYR B 61 19.46 20.52 14.31
N ASN B 62 18.93 21.18 15.32
CA ASN B 62 17.87 22.18 15.14
C ASN B 62 16.71 21.63 14.33
N ILE B 63 16.29 20.42 14.68
CA ILE B 63 15.14 19.77 14.04
C ILE B 63 13.85 20.21 14.72
N GLN B 64 13.06 21.00 13.99
CA GLN B 64 11.87 21.61 14.56
C GLN B 64 10.63 20.76 14.31
N LYS B 65 9.50 21.21 14.85
CA LYS B 65 8.22 20.54 14.60
C LYS B 65 7.92 20.57 13.11
N GLU B 66 7.38 19.47 12.60
CA GLU B 66 7.01 19.37 11.20
C GLU B 66 8.23 19.32 10.28
N SER B 67 9.41 19.15 10.87
CA SER B 67 10.62 18.93 10.10
C SER B 67 10.57 17.54 9.46
N THR B 68 11.24 17.38 8.33
CA THR B 68 11.23 16.13 7.61
C THR B 68 12.62 15.51 7.51
N LEU B 69 12.81 14.39 8.20
CA LEU B 69 14.07 13.65 8.10
C LEU B 69 13.93 12.64 6.97
N HIS B 70 15.07 12.25 6.41
CA HIS B 70 15.09 11.25 5.33
C HIS B 70 15.68 9.93 5.81
N LEU B 71 14.92 8.86 5.60
CA LEU B 71 15.36 7.51 5.96
C LEU B 71 15.95 6.82 4.75
N VAL B 72 17.18 6.34 4.87
CA VAL B 72 17.87 5.63 3.80
C VAL B 72 18.32 4.26 4.30
N LEU B 73 18.20 3.25 3.46
CA LEU B 73 18.64 1.92 3.81
C LEU B 73 20.16 1.91 4.00
N ARG B 74 20.63 1.20 5.04
CA ARG B 74 22.05 1.17 5.36
C ARG B 74 22.63 -0.24 5.30
N LEU B 75 23.33 -0.53 4.20
CA LEU B 75 23.90 -1.86 3.99
C LEU B 75 25.23 -2.03 4.72
N ARG B 76 25.61 -3.28 4.96
CA ARG B 76 26.89 -3.59 5.60
C ARG B 76 28.05 -3.37 4.64
N HIS C 2 13.15 22.92 -12.91
CA HIS C 2 13.08 21.83 -13.87
C HIS C 2 14.15 20.78 -13.64
N MET C 3 13.76 19.52 -13.78
CA MET C 3 14.69 18.40 -13.61
C MET C 3 14.65 17.47 -14.82
N GLN C 4 15.65 16.62 -14.94
CA GLN C 4 15.68 15.64 -16.00
C GLN C 4 15.22 14.27 -15.51
N ILE C 5 14.40 13.62 -16.30
CA ILE C 5 14.00 12.25 -16.01
C ILE C 5 14.13 11.39 -17.26
N PHE C 6 14.24 10.08 -17.06
CA PHE C 6 14.31 9.15 -18.17
C PHE C 6 13.00 8.40 -18.35
N VAL C 7 12.59 8.22 -19.59
CA VAL C 7 11.49 7.31 -19.89
C VAL C 7 12.04 6.15 -20.71
N LYS C 8 11.82 4.94 -20.21
CA LYS C 8 12.48 3.75 -20.74
C LYS C 8 11.46 2.67 -21.10
N THR C 9 11.64 2.05 -22.26
CA THR C 9 10.87 0.87 -22.64
C THR C 9 11.69 -0.38 -22.34
N LEU C 10 11.03 -1.53 -22.28
CA LEU C 10 11.71 -2.78 -21.97
C LEU C 10 12.94 -3.03 -22.85
N THR C 11 12.93 -2.47 -24.05
CA THR C 11 13.96 -2.78 -25.03
C THR C 11 15.25 -2.01 -24.82
N GLY C 12 15.29 -1.16 -23.79
CA GLY C 12 16.48 -0.39 -23.48
C GLY C 12 16.49 1.00 -24.06
N LYS C 13 15.81 1.22 -25.17
CA LYS C 13 15.72 2.54 -25.75
C LYS C 13 15.04 3.58 -24.90
N THR C 14 15.73 4.67 -24.71
CA THR C 14 15.40 5.65 -23.70
C THR C 14 15.20 7.04 -24.30
N ILE C 15 14.28 7.79 -23.74
CA ILE C 15 14.15 9.20 -24.06
C ILE C 15 14.32 10.01 -22.78
N THR C 16 14.84 11.22 -22.92
CA THR C 16 14.95 12.14 -21.80
C THR C 16 13.81 13.15 -21.83
N LEU C 17 13.41 13.65 -20.66
CA LEU C 17 12.38 14.66 -20.57
C LEU C 17 12.74 15.71 -19.52
N GLU C 18 12.38 16.95 -19.81
CA GLU C 18 12.48 18.01 -18.82
C GLU C 18 11.12 18.21 -18.17
N VAL C 19 11.08 18.08 -16.85
CA VAL C 19 9.81 18.11 -16.13
C VAL C 19 9.93 18.88 -14.83
N GLU C 20 8.78 19.21 -14.26
CA GLU C 20 8.72 19.83 -12.94
C GLU C 20 8.07 18.87 -11.97
N PRO C 21 8.51 18.89 -10.71
CA PRO C 21 7.92 18.06 -9.66
C PRO C 21 6.40 18.20 -9.63
N SER C 22 5.90 19.35 -10.08
CA SER C 22 4.48 19.64 -10.03
C SER C 22 3.74 19.11 -11.25
N ASP C 23 4.49 18.61 -12.23
CA ASP C 23 3.90 18.00 -13.41
C ASP C 23 3.09 16.76 -13.00
N THR C 24 1.90 16.61 -13.59
CA THR C 24 1.09 15.43 -13.35
C THR C 24 1.53 14.31 -14.26
N ILE C 25 1.13 13.08 -13.93
CA ILE C 25 1.45 11.93 -14.75
C ILE C 25 0.85 12.11 -16.14
N GLU C 26 -0.32 12.71 -16.20
CA GLU C 26 -0.97 13.02 -17.48
C GLU C 26 -0.14 14.01 -18.29
N ASN C 27 0.38 15.04 -17.63
CA ASN C 27 1.27 15.99 -18.28
C ASN C 27 2.45 15.27 -18.93
N VAL C 28 3.07 14.36 -18.19
CA VAL C 28 4.19 13.58 -18.71
C VAL C 28 3.78 12.74 -19.92
N LYS C 29 2.63 12.09 -19.82
CA LYS C 29 2.12 11.29 -20.94
C LYS C 29 1.95 12.14 -22.18
N ALA C 30 1.48 13.37 -21.99
CA ALA C 30 1.29 14.31 -23.08
C ALA C 30 2.63 14.73 -23.70
N LYS C 31 3.64 14.91 -22.85
CA LYS C 31 4.98 15.20 -23.34
C LYS C 31 5.51 14.01 -24.14
N ILE C 32 5.20 12.81 -23.68
CA ILE C 32 5.62 11.62 -24.39
C ILE C 32 4.95 11.53 -25.75
N GLN C 33 3.64 11.77 -25.80
CA GLN C 33 2.93 11.81 -27.08
C GLN C 33 3.56 12.85 -28.01
N ASP C 34 3.90 14.01 -27.46
CA ASP C 34 4.53 15.07 -28.24
C ASP C 34 5.82 14.59 -28.90
N LYS C 35 6.58 13.79 -28.16
CA LYS C 35 7.90 13.36 -28.64
C LYS C 35 7.85 12.10 -29.49
N GLU C 36 6.91 11.21 -29.18
CA GLU C 36 6.88 9.89 -29.81
C GLU C 36 5.61 9.65 -30.62
N GLY C 37 4.57 10.44 -30.37
CA GLY C 37 3.32 10.30 -31.09
C GLY C 37 2.43 9.19 -30.54
N ILE C 38 2.73 8.76 -29.32
CA ILE C 38 1.92 7.75 -28.65
C ILE C 38 0.86 8.40 -27.79
N PRO C 39 -0.42 8.12 -28.07
CA PRO C 39 -1.54 8.69 -27.31
C PRO C 39 -1.44 8.31 -25.84
N PRO C 40 -1.84 9.23 -24.95
CA PRO C 40 -1.79 9.01 -23.50
C PRO C 40 -2.56 7.75 -23.06
N ASP C 41 -3.65 7.45 -23.76
CA ASP C 41 -4.48 6.30 -23.38
C ASP C 41 -3.80 4.97 -23.66
N GLN C 42 -2.81 4.97 -24.54
CA GLN C 42 -2.05 3.76 -24.84
C GLN C 42 -0.78 3.67 -23.97
N GLN C 43 -0.66 4.59 -23.03
CA GLN C 43 0.54 4.67 -22.20
C GLN C 43 0.30 4.23 -20.76
N ARG C 44 1.18 3.38 -20.27
CA ARG C 44 1.20 3.02 -18.85
C ARG C 44 2.58 3.35 -18.28
N LEU C 45 2.62 4.28 -17.34
CA LEU C 45 3.88 4.71 -16.75
C LEU C 45 4.13 4.03 -15.42
N ILE C 46 5.36 3.57 -15.23
CA ILE C 46 5.76 2.81 -14.06
C ILE C 46 6.97 3.44 -13.37
N PHE C 47 6.96 3.43 -12.05
CA PHE C 47 8.10 3.88 -11.26
C PHE C 47 8.25 3.01 -10.02
N ALA C 48 9.46 2.51 -9.78
CA ALA C 48 9.74 1.64 -8.64
C ALA C 48 8.82 0.42 -8.61
N GLY C 49 8.39 -0.02 -9.80
CA GLY C 49 7.53 -1.19 -9.92
C GLY C 49 6.06 -0.88 -9.71
N LYS C 50 5.75 0.40 -9.54
CA LYS C 50 4.37 0.81 -9.32
C LYS C 50 3.77 1.56 -10.51
N GLN C 51 2.57 1.17 -10.91
CA GLN C 51 1.84 1.85 -11.97
C GLN C 51 1.41 3.24 -11.48
N LEU C 52 1.66 4.27 -12.29
CA LEU C 52 1.42 5.65 -11.87
C LEU C 52 0.05 6.16 -12.32
N GLU C 53 -0.57 6.98 -11.48
CA GLU C 53 -1.93 7.47 -11.76
C GLU C 53 -1.96 8.86 -12.38
N ASP C 54 -2.73 9.00 -13.46
CA ASP C 54 -2.79 10.25 -14.23
C ASP C 54 -2.90 11.52 -13.39
N GLY C 55 -3.77 11.48 -12.38
CA GLY C 55 -4.08 12.68 -11.61
C GLY C 55 -3.00 13.14 -10.64
N ARG C 56 -2.03 12.27 -10.37
CA ARG C 56 -1.00 12.59 -9.38
C ARG C 56 0.23 13.26 -10.01
N THR C 57 1.01 13.93 -9.17
CA THR C 57 2.23 14.62 -9.61
C THR C 57 3.47 13.77 -9.42
N LEU C 58 4.59 14.23 -9.96
CA LEU C 58 5.86 13.52 -9.83
C LEU C 58 6.37 13.60 -8.40
N SER C 59 6.09 14.70 -7.72
CA SER C 59 6.48 14.86 -6.32
C SER C 59 5.68 13.91 -5.44
N ASP C 60 4.43 13.68 -5.81
CA ASP C 60 3.60 12.69 -5.12
C ASP C 60 4.31 11.35 -5.08
N TYR C 61 5.09 11.06 -6.12
CA TYR C 61 5.79 9.79 -6.22
C TYR C 61 7.27 9.94 -5.86
N ASN C 62 7.64 11.14 -5.43
CA ASN C 62 9.02 11.43 -5.06
C ASN C 62 10.00 11.17 -6.19
N ILE C 63 9.52 11.37 -7.42
CA ILE C 63 10.35 11.23 -8.61
C ILE C 63 11.40 12.32 -8.67
N GLN C 64 12.67 11.95 -8.47
CA GLN C 64 13.75 12.92 -8.39
C GLN C 64 14.46 13.13 -9.72
N LYS C 65 15.42 14.03 -9.74
CA LYS C 65 16.20 14.27 -10.95
C LYS C 65 16.97 13.00 -11.32
N GLU C 66 17.00 12.71 -12.61
CA GLU C 66 17.65 11.49 -13.12
C GLU C 66 16.90 10.22 -12.74
N SER C 67 15.69 10.34 -12.21
CA SER C 67 14.85 9.18 -11.96
C SER C 67 14.43 8.57 -13.29
N THR C 68 14.21 7.25 -13.31
CA THR C 68 13.80 6.57 -14.53
C THR C 68 12.38 6.02 -14.44
N LEU C 69 11.54 6.45 -15.37
CA LEU C 69 10.18 5.93 -15.48
C LEU C 69 10.13 4.90 -16.60
N HIS C 70 9.33 3.85 -16.43
CA HIS C 70 9.19 2.86 -17.49
C HIS C 70 7.85 3.05 -18.20
N LEU C 71 7.85 2.91 -19.52
CA LEU C 71 6.66 3.11 -20.31
C LEU C 71 6.22 1.78 -20.92
N VAL C 72 5.03 1.33 -20.54
CA VAL C 72 4.44 0.13 -21.09
C VAL C 72 3.15 0.46 -21.86
N LEU C 73 3.00 -0.11 -23.05
CA LEU C 73 1.84 0.17 -23.87
C LEU C 73 0.59 -0.50 -23.32
N ARG C 74 -0.50 0.24 -23.30
CA ARG C 74 -1.78 -0.25 -22.81
C ARG C 74 -2.73 -0.42 -23.98
N LEU C 75 -3.00 -1.66 -24.36
CA LEU C 75 -3.86 -1.93 -25.52
C LEU C 75 -5.29 -1.41 -25.35
N ARG C 76 -6.02 -1.40 -26.46
CA ARG C 76 -7.35 -0.81 -26.56
C ARG C 76 -7.31 0.68 -26.89
N HIS D 2 -3.56 -21.31 -42.50
CA HIS D 2 -3.73 -20.30 -41.47
C HIS D 2 -3.77 -20.92 -40.07
N MET D 3 -2.99 -20.34 -39.17
CA MET D 3 -2.99 -20.75 -37.78
C MET D 3 -3.19 -19.50 -36.93
N GLN D 4 -3.58 -19.69 -35.67
CA GLN D 4 -3.72 -18.55 -34.79
C GLN D 4 -2.51 -18.44 -33.87
N ILE D 5 -2.08 -17.21 -33.62
CA ILE D 5 -1.05 -16.94 -32.62
C ILE D 5 -1.56 -15.88 -31.64
N PHE D 6 -0.88 -15.79 -30.51
CA PHE D 6 -1.20 -14.79 -29.51
C PHE D 6 -0.11 -13.74 -29.53
N VAL D 7 -0.50 -12.48 -29.45
CA VAL D 7 0.45 -11.41 -29.23
C VAL D 7 0.18 -10.85 -27.84
N LYS D 8 1.16 -10.98 -26.96
CA LYS D 8 1.02 -10.63 -25.56
C LYS D 8 1.82 -9.38 -25.22
N THR D 9 1.24 -8.53 -24.37
CA THR D 9 1.90 -7.32 -23.95
C THR D 9 2.27 -7.48 -22.47
N LEU D 10 3.10 -6.58 -21.97
CA LEU D 10 3.64 -6.72 -20.61
C LEU D 10 2.55 -6.64 -19.55
N THR D 11 1.41 -6.10 -19.92
CA THR D 11 0.29 -5.93 -19.02
C THR D 11 -0.54 -7.21 -18.98
N GLY D 12 -0.12 -8.21 -19.76
CA GLY D 12 -0.81 -9.48 -19.84
C GLY D 12 -1.92 -9.46 -20.89
N LYS D 13 -2.38 -8.26 -21.22
CA LYS D 13 -3.43 -8.09 -22.21
C LYS D 13 -2.99 -8.73 -23.52
N THR D 14 -3.82 -9.63 -24.05
CA THR D 14 -3.45 -10.43 -25.20
C THR D 14 -4.43 -10.29 -26.35
N ILE D 15 -3.91 -10.36 -27.58
CA ILE D 15 -4.76 -10.39 -28.76
C ILE D 15 -4.43 -11.62 -29.59
N THR D 16 -5.44 -12.15 -30.29
CA THR D 16 -5.23 -13.27 -31.19
C THR D 16 -5.11 -12.79 -32.63
N LEU D 17 -4.44 -13.58 -33.45
CA LEU D 17 -4.25 -13.25 -34.86
C LEU D 17 -4.25 -14.52 -35.69
N GLU D 18 -4.81 -14.42 -36.87
CA GLU D 18 -4.78 -15.51 -37.80
C GLU D 18 -3.66 -15.24 -38.79
N VAL D 19 -2.68 -16.10 -38.82
CA VAL D 19 -1.49 -15.89 -39.64
C VAL D 19 -1.06 -17.15 -40.39
N GLU D 20 -0.19 -16.96 -41.38
CA GLU D 20 0.40 -18.08 -42.11
C GLU D 20 1.88 -18.14 -41.78
N PRO D 21 2.46 -19.35 -41.83
CA PRO D 21 3.90 -19.52 -41.57
C PRO D 21 4.75 -18.65 -42.48
N SER D 22 4.20 -18.28 -43.64
CA SER D 22 4.94 -17.50 -44.62
C SER D 22 4.84 -16.00 -44.39
N ASP D 23 3.89 -15.58 -43.55
CA ASP D 23 3.74 -14.18 -43.21
C ASP D 23 5.02 -13.62 -42.61
N THR D 24 5.43 -12.44 -43.06
CA THR D 24 6.62 -11.80 -42.53
C THR D 24 6.34 -11.14 -41.19
N ILE D 25 7.39 -10.78 -40.47
CA ILE D 25 7.24 -10.08 -39.21
C ILE D 25 6.57 -8.72 -39.44
N GLU D 26 6.81 -8.14 -40.60
CA GLU D 26 6.18 -6.88 -40.98
C GLU D 26 4.68 -7.07 -41.19
N ASN D 27 4.32 -8.18 -41.83
CA ASN D 27 2.92 -8.53 -42.03
C ASN D 27 2.15 -8.55 -40.71
N VAL D 28 2.72 -9.24 -39.73
CA VAL D 28 2.09 -9.34 -38.41
C VAL D 28 1.93 -7.96 -37.76
N LYS D 29 2.99 -7.16 -37.84
CA LYS D 29 2.95 -5.81 -37.31
C LYS D 29 1.81 -5.02 -37.95
N ALA D 30 1.59 -5.25 -39.24
CA ALA D 30 0.51 -4.61 -39.97
C ALA D 30 -0.85 -5.04 -39.43
N LYS D 31 -0.97 -6.33 -39.13
CA LYS D 31 -2.22 -6.87 -38.59
C LYS D 31 -2.46 -6.36 -37.17
N ILE D 32 -1.38 -6.17 -36.42
CA ILE D 32 -1.48 -5.60 -35.09
C ILE D 32 -1.93 -4.15 -35.16
N GLN D 33 -1.43 -3.43 -36.16
CA GLN D 33 -1.87 -2.05 -36.37
C GLN D 33 -3.38 -2.02 -36.68
N ASP D 34 -3.80 -2.86 -37.62
CA ASP D 34 -5.20 -2.94 -38.00
C ASP D 34 -6.10 -3.19 -36.77
N LYS D 35 -5.57 -3.90 -35.80
CA LYS D 35 -6.34 -4.26 -34.62
C LYS D 35 -6.22 -3.28 -33.46
N GLU D 36 -5.02 -2.71 -33.29
CA GLU D 36 -4.72 -1.90 -32.10
C GLU D 36 -4.32 -0.47 -32.41
N GLY D 37 -4.19 -0.14 -33.68
CA GLY D 37 -3.80 1.20 -34.08
C GLY D 37 -2.42 1.58 -33.59
N ILE D 38 -1.48 0.65 -33.73
CA ILE D 38 -0.09 0.90 -33.35
C ILE D 38 0.80 0.75 -34.58
N PRO D 39 1.44 1.85 -35.00
CA PRO D 39 2.33 1.84 -36.17
C PRO D 39 3.40 0.76 -36.04
N PRO D 40 3.69 0.05 -37.14
CA PRO D 40 4.71 -0.99 -37.14
C PRO D 40 6.05 -0.49 -36.62
N ASP D 41 6.38 0.76 -36.92
CA ASP D 41 7.67 1.33 -36.53
C ASP D 41 7.81 1.50 -35.02
N GLN D 42 6.68 1.61 -34.33
CA GLN D 42 6.69 1.82 -32.88
C GLN D 42 6.50 0.53 -32.10
N GLN D 43 6.53 -0.60 -32.80
CA GLN D 43 6.31 -1.97 -32.30
C GLN D 43 7.57 -2.86 -32.40
N ARG D 44 7.89 -3.58 -31.35
CA ARG D 44 8.89 -4.62 -31.47
C ARG D 44 8.27 -5.95 -31.05
N LEU D 45 8.47 -6.97 -31.87
CA LEU D 45 7.96 -8.30 -31.56
C LEU D 45 9.07 -9.21 -31.03
N ILE D 46 8.82 -9.86 -29.90
CA ILE D 46 9.82 -10.73 -29.29
C ILE D 46 9.30 -12.15 -29.12
N PHE D 47 10.11 -13.12 -29.54
CA PHE D 47 9.74 -14.53 -29.40
C PHE D 47 10.91 -15.38 -28.89
N ALA D 48 10.65 -16.15 -27.84
CA ALA D 48 11.66 -17.02 -27.24
C ALA D 48 12.91 -16.25 -26.83
N GLY D 49 12.71 -15.04 -26.31
CA GLY D 49 13.81 -14.20 -25.88
C GLY D 49 14.63 -13.66 -27.05
N LYS D 50 13.96 -13.47 -28.18
CA LYS D 50 14.64 -12.98 -29.38
C LYS D 50 13.78 -11.96 -30.12
N GLN D 51 14.42 -10.86 -30.51
CA GLN D 51 13.76 -9.84 -31.32
C GLN D 51 13.54 -10.35 -32.75
N LEU D 52 12.36 -10.10 -33.29
CA LEU D 52 12.03 -10.60 -34.62
C LEU D 52 12.26 -9.51 -35.68
N GLU D 53 12.82 -9.89 -36.82
CA GLU D 53 13.18 -8.93 -37.86
C GLU D 53 12.10 -8.81 -38.93
N ASP D 54 11.81 -7.58 -39.32
CA ASP D 54 10.74 -7.27 -40.28
C ASP D 54 10.70 -8.16 -41.51
N GLY D 55 11.87 -8.54 -42.01
CA GLY D 55 11.95 -9.31 -43.25
C GLY D 55 11.70 -10.81 -43.12
N ARG D 56 11.96 -11.35 -41.93
CA ARG D 56 11.85 -12.79 -41.71
C ARG D 56 10.39 -13.23 -41.58
N THR D 57 10.14 -14.50 -41.86
CA THR D 57 8.79 -15.06 -41.73
C THR D 57 8.63 -15.80 -40.40
N LEU D 58 7.40 -16.16 -40.07
CA LEU D 58 7.12 -16.87 -38.83
C LEU D 58 7.73 -18.26 -38.84
N SER D 59 7.78 -18.87 -40.03
CA SER D 59 8.43 -20.17 -40.18
C SER D 59 9.92 -20.07 -39.92
N ASP D 60 10.51 -18.95 -40.35
CA ASP D 60 11.94 -18.70 -40.13
C ASP D 60 12.29 -18.79 -38.65
N TYR D 61 11.35 -18.42 -37.79
CA TYR D 61 11.56 -18.48 -36.35
C TYR D 61 10.87 -19.70 -35.73
N ASN D 62 10.41 -20.60 -36.59
CA ASN D 62 9.71 -21.80 -36.13
C ASN D 62 8.55 -21.47 -35.19
N ILE D 63 7.83 -20.40 -35.51
CA ILE D 63 6.66 -20.00 -34.74
C ILE D 63 5.46 -20.86 -35.14
N GLN D 64 5.06 -21.76 -34.27
CA GLN D 64 4.00 -22.71 -34.56
C GLN D 64 2.64 -22.23 -34.06
N LYS D 65 1.60 -22.99 -34.39
CA LYS D 65 0.25 -22.61 -33.99
C LYS D 65 0.16 -22.41 -32.49
N GLU D 66 -0.55 -21.37 -32.08
CA GLU D 66 -0.80 -21.09 -30.67
C GLU D 66 0.43 -20.55 -29.97
N SER D 67 1.45 -20.21 -30.73
CA SER D 67 2.64 -19.59 -30.15
C SER D 67 2.25 -18.21 -29.64
N THR D 68 2.93 -17.76 -28.59
CA THR D 68 2.69 -16.43 -28.05
C THR D 68 3.87 -15.51 -28.34
N LEU D 69 3.62 -14.47 -29.13
CA LEU D 69 4.63 -13.45 -29.38
C LEU D 69 4.48 -12.36 -28.34
N HIS D 70 5.58 -11.68 -28.05
CA HIS D 70 5.54 -10.58 -27.10
C HIS D 70 5.71 -9.24 -27.81
N LEU D 71 4.72 -8.38 -27.64
CA LEU D 71 4.77 -7.04 -28.21
C LEU D 71 5.33 -6.07 -27.19
N VAL D 72 6.34 -5.30 -27.59
CA VAL D 72 6.91 -4.28 -26.72
C VAL D 72 6.98 -2.94 -27.45
N LEU D 73 6.67 -1.89 -26.68
CA LEU D 73 6.79 -0.52 -27.14
C LEU D 73 8.20 -0.44 -27.72
N ARG D 74 8.28 0.28 -28.83
CA ARG D 74 9.53 0.60 -29.51
C ARG D 74 9.73 2.11 -29.58
N LEU D 75 10.37 2.78 -28.62
CA LEU D 75 10.64 4.21 -28.53
C LEU D 75 11.60 4.66 -29.62
N ARG D 76 11.22 5.74 -30.29
CA ARG D 76 11.67 6.08 -31.62
C ARG D 76 12.99 6.80 -31.78
N HIS E 2 1.55 -25.18 -10.27
CA HIS E 2 1.35 -24.18 -9.22
C HIS E 2 -0.05 -23.56 -9.28
N MET E 3 -0.66 -23.41 -8.12
CA MET E 3 -2.01 -22.84 -8.02
C MET E 3 -1.98 -21.57 -7.16
N GLN E 4 -2.78 -20.58 -7.55
CA GLN E 4 -2.88 -19.37 -6.74
C GLN E 4 -3.89 -19.56 -5.62
N ILE E 5 -3.51 -19.16 -4.42
CA ILE E 5 -4.43 -19.14 -3.28
C ILE E 5 -4.35 -17.78 -2.61
N PHE E 6 -5.34 -17.48 -1.79
CA PHE E 6 -5.38 -16.21 -1.07
C PHE E 6 -5.35 -16.45 0.43
N VAL E 7 -4.58 -15.63 1.12
CA VAL E 7 -4.60 -15.64 2.57
C VAL E 7 -5.14 -14.30 3.02
N LYS E 8 -6.14 -14.34 3.90
CA LYS E 8 -6.82 -13.12 4.31
C LYS E 8 -6.92 -13.01 5.83
N THR E 9 -6.51 -11.85 6.35
CA THR E 9 -6.70 -11.54 7.76
C THR E 9 -8.17 -11.15 7.95
N LEU E 10 -8.55 -10.93 9.21
CA LEU E 10 -9.95 -10.66 9.55
C LEU E 10 -10.36 -9.22 9.27
N THR E 11 -9.38 -8.37 8.98
CA THR E 11 -9.66 -6.99 8.58
C THR E 11 -9.84 -6.91 7.07
N GLY E 12 -9.62 -8.05 6.40
CA GLY E 12 -9.63 -8.13 4.95
C GLY E 12 -8.48 -7.89 3.96
N LYS E 13 -7.30 -7.63 4.50
CA LYS E 13 -5.99 -7.68 3.84
C LYS E 13 -5.80 -9.02 3.20
N THR E 14 -5.49 -9.06 1.91
CA THR E 14 -5.52 -10.32 1.21
C THR E 14 -4.14 -10.35 0.60
N ILE E 15 -3.38 -11.39 0.91
CA ILE E 15 -2.14 -11.62 0.16
C ILE E 15 -2.31 -12.85 -0.73
N THR E 16 -1.70 -12.79 -1.91
CA THR E 16 -1.79 -13.90 -2.84
C THR E 16 -0.52 -14.74 -2.81
N LEU E 17 -0.70 -16.06 -2.80
CA LEU E 17 0.42 -16.99 -2.75
C LEU E 17 0.35 -18.02 -3.87
N GLU E 18 1.48 -18.27 -4.51
CA GLU E 18 1.61 -19.38 -5.44
C GLU E 18 2.12 -20.60 -4.69
N VAL E 19 1.30 -21.65 -4.65
CA VAL E 19 1.62 -22.84 -3.89
C VAL E 19 1.39 -24.11 -4.69
N GLU E 20 1.79 -25.24 -4.11
CA GLU E 20 1.53 -26.54 -4.69
C GLU E 20 0.64 -27.35 -3.75
N PRO E 21 -0.18 -28.25 -4.31
CA PRO E 21 -1.03 -29.11 -3.48
C PRO E 21 -0.22 -29.87 -2.45
N SER E 22 1.06 -30.13 -2.75
CA SER E 22 1.91 -30.88 -1.85
C SER E 22 2.56 -30.01 -0.77
N ASP E 23 2.40 -28.69 -0.89
CA ASP E 23 2.93 -27.78 0.12
C ASP E 23 2.24 -28.02 1.46
N THR E 24 3.04 -28.24 2.50
CA THR E 24 2.49 -28.41 3.84
C THR E 24 1.93 -27.09 4.33
N ILE E 25 1.24 -27.12 5.45
CA ILE E 25 0.75 -25.89 6.07
C ILE E 25 1.94 -25.08 6.58
N GLU E 26 2.95 -25.77 7.10
CA GLU E 26 4.16 -25.10 7.56
C GLU E 26 4.82 -24.34 6.41
N ASN E 27 4.84 -24.98 5.23
CA ASN E 27 5.37 -24.33 4.04
C ASN E 27 4.66 -23.01 3.76
N VAL E 28 3.33 -23.02 3.84
CA VAL E 28 2.56 -21.80 3.61
C VAL E 28 2.91 -20.73 4.64
N LYS E 29 3.10 -21.15 5.88
CA LYS E 29 3.42 -20.21 6.96
C LYS E 29 4.77 -19.56 6.71
N ALA E 30 5.71 -20.34 6.20
CA ALA E 30 7.03 -19.83 5.82
C ALA E 30 6.88 -18.78 4.72
N LYS E 31 6.09 -19.12 3.70
CA LYS E 31 5.76 -18.18 2.63
C LYS E 31 5.14 -16.90 3.18
N ILE E 32 4.26 -17.03 4.16
CA ILE E 32 3.67 -15.83 4.78
C ILE E 32 4.72 -15.03 5.56
N GLN E 33 5.62 -15.72 6.26
CA GLN E 33 6.68 -15.01 6.97
C GLN E 33 7.56 -14.26 5.97
N ASP E 34 7.84 -14.91 4.84
CA ASP E 34 8.63 -14.30 3.78
C ASP E 34 8.01 -13.01 3.26
N LYS E 35 6.67 -12.97 3.24
CA LYS E 35 5.96 -11.83 2.68
C LYS E 35 5.52 -10.82 3.73
N GLU E 36 5.37 -11.26 4.97
CA GLU E 36 4.82 -10.42 6.02
C GLU E 36 5.67 -10.30 7.29
N GLY E 37 6.66 -11.18 7.43
CA GLY E 37 7.54 -11.13 8.58
C GLY E 37 6.93 -11.67 9.86
N ILE E 38 5.72 -12.20 9.76
CA ILE E 38 5.06 -12.82 10.91
C ILE E 38 5.60 -14.23 11.08
N PRO E 39 6.16 -14.54 12.25
CA PRO E 39 6.76 -15.86 12.49
C PRO E 39 5.72 -16.95 12.52
N PRO E 40 6.04 -18.13 11.97
CA PRO E 40 5.11 -19.26 11.93
C PRO E 40 4.40 -19.50 13.27
N ASP E 41 5.13 -19.39 14.38
CA ASP E 41 4.54 -19.69 15.69
C ASP E 41 3.39 -18.74 16.05
N GLN E 42 3.36 -17.57 15.44
CA GLN E 42 2.34 -16.58 15.68
C GLN E 42 1.21 -16.64 14.66
N GLN E 43 1.18 -17.68 13.85
CA GLN E 43 0.20 -17.80 12.80
C GLN E 43 -0.71 -18.98 13.05
N ARG E 44 -2.00 -18.76 13.01
CA ARG E 44 -2.97 -19.83 12.90
C ARG E 44 -3.64 -19.68 11.54
N LEU E 45 -3.59 -20.73 10.73
CA LEU E 45 -4.26 -20.70 9.44
C LEU E 45 -5.56 -21.49 9.52
N ILE E 46 -6.61 -20.93 8.92
CA ILE E 46 -7.91 -21.58 8.94
C ILE E 46 -8.50 -21.71 7.53
N PHE E 47 -9.04 -22.89 7.24
CA PHE E 47 -9.76 -23.11 5.99
C PHE E 47 -11.04 -23.89 6.27
N ALA E 48 -12.16 -23.39 5.75
CA ALA E 48 -13.46 -24.02 5.95
C ALA E 48 -13.71 -24.32 7.43
N GLY E 49 -13.54 -23.31 8.27
CA GLY E 49 -13.76 -23.45 9.69
C GLY E 49 -12.71 -24.30 10.40
N LYS E 50 -11.90 -24.99 9.61
CA LYS E 50 -10.89 -25.89 10.16
C LYS E 50 -9.58 -25.20 10.50
N GLN E 51 -9.07 -25.44 11.70
CA GLN E 51 -7.74 -24.99 12.09
C GLN E 51 -6.73 -25.94 11.45
N LEU E 52 -5.85 -25.39 10.62
CA LEU E 52 -4.95 -26.21 9.81
C LEU E 52 -3.68 -26.61 10.55
N GLU E 53 -3.28 -27.86 10.39
CA GLU E 53 -2.11 -28.39 11.10
C GLU E 53 -0.84 -28.30 10.26
N ASP E 54 0.24 -27.81 10.87
CA ASP E 54 1.50 -27.58 10.19
C ASP E 54 1.93 -28.71 9.26
N GLY E 55 1.83 -29.95 9.75
CA GLY E 55 2.39 -31.09 9.05
C GLY E 55 1.66 -31.55 7.81
N ARG E 56 0.40 -31.15 7.66
CA ARG E 56 -0.40 -31.61 6.53
C ARG E 56 -0.26 -30.73 5.30
N THR E 57 -0.55 -31.31 4.14
CA THR E 57 -0.45 -30.59 2.89
C THR E 57 -1.76 -29.88 2.56
N LEU E 58 -1.74 -29.08 1.50
CA LEU E 58 -2.93 -28.36 1.06
C LEU E 58 -3.95 -29.31 0.45
N SER E 59 -3.47 -30.35 -0.19
CA SER E 59 -4.34 -31.36 -0.80
C SER E 59 -5.06 -32.18 0.26
N ASP E 60 -4.43 -32.34 1.42
CA ASP E 60 -5.06 -33.04 2.54
C ASP E 60 -6.35 -32.33 2.96
N TYR E 61 -6.39 -31.02 2.77
CA TYR E 61 -7.56 -30.24 3.13
C TYR E 61 -8.39 -29.89 1.89
N ASN E 62 -8.03 -30.48 0.76
CA ASN E 62 -8.69 -30.21 -0.50
C ASN E 62 -8.66 -28.72 -0.84
N ILE E 63 -7.57 -28.06 -0.45
CA ILE E 63 -7.37 -26.66 -0.79
C ILE E 63 -7.03 -26.54 -2.28
N GLN E 64 -7.92 -25.92 -3.03
CA GLN E 64 -7.81 -25.83 -4.49
C GLN E 64 -7.42 -24.43 -4.97
N LYS E 65 -7.19 -24.30 -6.26
CA LYS E 65 -6.86 -23.02 -6.87
C LYS E 65 -7.89 -21.96 -6.50
N GLU E 66 -7.40 -20.77 -6.21
CA GLU E 66 -8.24 -19.63 -5.85
C GLU E 66 -8.95 -19.83 -4.52
N SER E 67 -8.50 -20.80 -3.73
CA SER E 67 -9.04 -20.98 -2.39
C SER E 67 -8.60 -19.84 -1.49
N THR E 68 -9.41 -19.58 -0.45
CA THR E 68 -9.08 -18.52 0.50
C THR E 68 -8.87 -19.08 1.90
N LEU E 69 -7.68 -18.91 2.43
CA LEU E 69 -7.40 -19.29 3.80
C LEU E 69 -7.49 -18.04 4.66
N HIS E 70 -7.74 -18.23 5.95
CA HIS E 70 -7.78 -17.11 6.88
C HIS E 70 -6.60 -17.15 7.86
N LEU E 71 -5.90 -16.03 7.97
CA LEU E 71 -4.78 -15.91 8.90
C LEU E 71 -5.26 -15.21 10.15
N VAL E 72 -5.07 -15.85 11.30
CA VAL E 72 -5.41 -15.22 12.57
C VAL E 72 -4.22 -15.22 13.51
N LEU E 73 -4.10 -14.14 14.28
CA LEU E 73 -3.02 -13.99 15.23
C LEU E 73 -3.10 -15.09 16.29
N ARG E 74 -1.97 -15.73 16.55
CA ARG E 74 -1.89 -16.81 17.53
C ARG E 74 -1.16 -16.32 18.77
N LEU E 75 -1.87 -16.23 19.87
CA LEU E 75 -1.30 -15.74 21.10
C LEU E 75 -0.78 -16.90 21.93
N ARG E 76 -0.03 -16.60 22.97
CA ARG E 76 0.43 -17.65 23.84
C ARG E 76 -0.79 -18.40 24.37
N MET F 3 -4.55 0.06 36.53
CA MET F 3 -5.83 -0.40 36.02
C MET F 3 -5.66 -1.56 35.04
N GLN F 4 -6.63 -2.46 35.01
CA GLN F 4 -6.58 -3.62 34.14
C GLN F 4 -7.36 -3.37 32.85
N ILE F 5 -6.75 -3.68 31.71
CA ILE F 5 -7.44 -3.59 30.43
C ILE F 5 -7.36 -4.92 29.71
N PHE F 6 -8.19 -5.07 28.69
CA PHE F 6 -8.17 -6.29 27.88
C PHE F 6 -7.74 -5.97 26.46
N VAL F 7 -6.90 -6.82 25.89
CA VAL F 7 -6.58 -6.73 24.47
C VAL F 7 -7.10 -7.98 23.78
N LYS F 8 -7.82 -7.78 22.67
CA LYS F 8 -8.60 -8.85 22.07
C LYS F 8 -8.34 -8.97 20.56
N THR F 9 -8.04 -10.19 20.12
CA THR F 9 -7.93 -10.48 18.70
C THR F 9 -9.34 -10.68 18.17
N LEU F 10 -9.49 -10.67 16.85
CA LEU F 10 -10.82 -10.78 16.24
C LEU F 10 -11.40 -12.18 16.37
N THR F 11 -10.58 -13.13 16.84
CA THR F 11 -11.04 -14.51 17.05
C THR F 11 -11.66 -14.68 18.43
N GLY F 12 -11.45 -13.69 19.29
CA GLY F 12 -11.96 -13.74 20.65
C GLY F 12 -10.87 -13.91 21.69
N LYS F 13 -9.73 -14.44 21.26
CA LYS F 13 -8.59 -14.60 22.17
C LYS F 13 -8.31 -13.30 22.91
N THR F 14 -8.16 -13.40 24.23
CA THR F 14 -7.97 -12.21 25.04
C THR F 14 -6.79 -12.33 25.99
N ILE F 15 -6.07 -11.22 26.17
CA ILE F 15 -5.02 -11.14 27.17
C ILE F 15 -5.30 -9.95 28.07
N THR F 16 -4.90 -10.05 29.33
CA THR F 16 -5.12 -8.96 30.28
C THR F 16 -3.82 -8.21 30.53
N LEU F 17 -3.92 -6.89 30.64
CA LEU F 17 -2.75 -6.05 30.82
C LEU F 17 -2.93 -5.07 31.98
N GLU F 18 -1.90 -4.96 32.81
CA GLU F 18 -1.87 -3.92 33.84
C GLU F 18 -1.18 -2.69 33.26
N VAL F 19 -1.90 -1.57 33.24
CA VAL F 19 -1.40 -0.36 32.63
C VAL F 19 -1.73 0.88 33.46
N GLU F 20 -1.15 2.01 33.08
CA GLU F 20 -1.48 3.30 33.68
C GLU F 20 -2.09 4.19 32.61
N PRO F 21 -2.96 5.12 33.02
CA PRO F 21 -3.57 6.05 32.08
C PRO F 21 -2.51 6.85 31.29
N SER F 22 -1.33 6.98 31.87
CA SER F 22 -0.26 7.77 31.25
C SER F 22 0.57 6.99 30.24
N ASP F 23 0.42 5.67 30.22
CA ASP F 23 1.16 4.84 29.28
C ASP F 23 0.81 5.25 27.85
N THR F 24 1.80 5.17 26.96
CA THR F 24 1.55 5.43 25.56
C THR F 24 1.08 4.16 24.89
N ILE F 25 0.51 4.31 23.69
CA ILE F 25 0.09 3.16 22.91
C ILE F 25 1.30 2.28 22.60
N GLU F 26 2.45 2.93 22.37
CA GLU F 26 3.69 2.21 22.13
C GLU F 26 4.06 1.39 23.35
N ASN F 27 3.84 1.95 24.53
CA ASN F 27 4.08 1.25 25.77
C ASN F 27 3.28 -0.03 25.85
N VAL F 28 1.99 0.05 25.51
CA VAL F 28 1.12 -1.11 25.49
C VAL F 28 1.58 -2.17 24.50
N LYS F 29 2.05 -1.73 23.33
CA LYS F 29 2.54 -2.64 22.31
C LYS F 29 3.77 -3.38 22.83
N ALA F 30 4.62 -2.67 23.55
CA ALA F 30 5.80 -3.26 24.17
C ALA F 30 5.39 -4.27 25.23
N LYS F 31 4.28 -3.98 25.90
CA LYS F 31 3.74 -4.90 26.90
C LYS F 31 3.18 -6.14 26.22
N ILE F 32 2.54 -5.95 25.06
CA ILE F 32 2.05 -7.07 24.29
C ILE F 32 3.20 -7.91 23.76
N GLN F 33 4.25 -7.26 23.28
CA GLN F 33 5.43 -7.98 22.80
C GLN F 33 6.03 -8.80 23.95
N ASP F 34 6.17 -8.19 25.11
CA ASP F 34 6.68 -8.88 26.30
C ASP F 34 5.88 -10.13 26.63
N LYS F 35 4.59 -10.10 26.33
CA LYS F 35 3.69 -11.18 26.69
C LYS F 35 3.49 -12.22 25.57
N GLU F 36 3.46 -11.76 24.33
CA GLU F 36 3.07 -12.62 23.22
C GLU F 36 4.14 -12.74 22.14
N GLY F 37 5.17 -11.90 22.21
CA GLY F 37 6.25 -11.93 21.24
C GLY F 37 5.93 -11.27 19.92
N ILE F 38 4.79 -10.58 19.84
CA ILE F 38 4.43 -9.86 18.64
C ILE F 38 5.12 -8.50 18.58
N PRO F 39 5.99 -8.31 17.58
CA PRO F 39 6.71 -7.04 17.42
C PRO F 39 5.73 -5.88 17.27
N PRO F 40 6.04 -4.75 17.92
CA PRO F 40 5.17 -3.57 17.84
C PRO F 40 4.80 -3.18 16.41
N ASP F 41 5.73 -3.31 15.47
CA ASP F 41 5.46 -2.89 14.10
C ASP F 41 4.33 -3.69 13.45
N GLN F 42 4.19 -4.95 13.88
CA GLN F 42 3.18 -5.83 13.31
C GLN F 42 1.82 -5.65 13.99
N GLN F 43 1.77 -4.78 14.98
CA GLN F 43 0.57 -4.61 15.77
C GLN F 43 -0.20 -3.35 15.45
N ARG F 44 -1.49 -3.49 15.28
CA ARG F 44 -2.39 -2.36 15.17
C ARG F 44 -3.44 -2.50 16.27
N LEU F 45 -3.52 -1.48 17.13
CA LEU F 45 -4.48 -1.49 18.22
C LEU F 45 -5.67 -0.60 17.89
N ILE F 46 -6.86 -1.12 18.13
CA ILE F 46 -8.08 -0.37 17.88
C ILE F 46 -8.87 -0.18 19.18
N PHE F 47 -9.41 1.01 19.38
CA PHE F 47 -10.35 1.25 20.47
C PHE F 47 -11.52 2.12 20.00
N ALA F 48 -12.72 1.66 20.30
CA ALA F 48 -13.94 2.36 19.89
C ALA F 48 -13.92 2.66 18.39
N GLY F 49 -13.49 1.69 17.59
CA GLY F 49 -13.47 1.82 16.15
C GLY F 49 -12.34 2.69 15.64
N LYS F 50 -11.68 3.38 16.56
CA LYS F 50 -10.60 4.31 16.19
C LYS F 50 -9.23 3.65 16.29
N GLN F 51 -8.43 3.82 15.24
CA GLN F 51 -7.04 3.35 15.28
C GLN F 51 -6.26 4.15 16.30
N LEU F 52 -5.39 3.48 17.04
CA LEU F 52 -4.63 4.14 18.10
C LEU F 52 -3.23 4.50 17.64
N GLU F 53 -2.77 5.69 18.02
CA GLU F 53 -1.48 6.20 17.59
C GLU F 53 -0.41 6.00 18.66
N ASP F 54 0.75 5.50 18.23
CA ASP F 54 1.85 5.14 19.12
C ASP F 54 2.20 6.17 20.19
N GLY F 55 2.27 7.44 19.79
CA GLY F 55 2.72 8.49 20.67
C GLY F 55 1.75 8.94 21.74
N ARG F 56 0.48 8.55 21.59
CA ARG F 56 -0.56 9.00 22.51
C ARG F 56 -0.76 8.03 23.68
N THR F 57 -1.37 8.55 24.75
CA THR F 57 -1.61 7.75 25.96
C THR F 57 -3.02 7.18 25.97
N LEU F 58 -3.29 6.28 26.92
CA LEU F 58 -4.62 5.69 27.03
C LEU F 58 -5.64 6.70 27.54
N SER F 59 -5.18 7.70 28.28
CA SER F 59 -6.06 8.74 28.79
C SER F 59 -6.53 9.65 27.66
N ASP F 60 -5.66 9.86 26.68
CA ASP F 60 -5.99 10.65 25.50
C ASP F 60 -7.19 10.06 24.76
N TYR F 61 -7.36 8.75 24.87
CA TYR F 61 -8.48 8.07 24.25
C TYR F 61 -9.53 7.66 25.29
N ASN F 62 -9.36 8.18 26.51
CA ASN F 62 -10.29 7.89 27.60
C ASN F 62 -10.47 6.40 27.86
N ILE F 63 -9.40 5.63 27.70
CA ILE F 63 -9.43 4.20 28.01
C ILE F 63 -9.34 4.03 29.53
N GLN F 64 -10.31 3.29 30.10
CA GLN F 64 -10.39 3.13 31.55
C GLN F 64 -10.35 1.65 31.93
N LYS F 65 -10.45 1.39 33.23
CA LYS F 65 -10.38 0.02 33.75
C LYS F 65 -11.37 -0.91 33.07
N GLU F 66 -10.90 -2.12 32.76
CA GLU F 66 -11.74 -3.17 32.19
C GLU F 66 -12.16 -2.89 30.75
N SER F 67 -11.62 -1.84 30.15
CA SER F 67 -11.89 -1.53 28.75
C SER F 67 -11.29 -2.63 27.87
N THR F 68 -11.75 -2.71 26.62
CA THR F 68 -11.25 -3.73 25.72
C THR F 68 -10.73 -3.14 24.42
N LEU F 69 -9.41 -3.18 24.24
CA LEU F 69 -8.78 -2.80 22.98
C LEU F 69 -8.77 -4.00 22.05
N HIS F 70 -8.72 -3.74 20.75
CA HIS F 70 -8.65 -4.83 19.77
C HIS F 70 -7.29 -4.82 19.09
N LEU F 71 -6.75 -6.02 18.83
CA LEU F 71 -5.43 -6.17 18.24
C LEU F 71 -5.53 -6.75 16.85
N VAL F 72 -4.98 -6.03 15.89
CA VAL F 72 -5.04 -6.43 14.49
C VAL F 72 -3.66 -6.51 13.87
N LEU F 73 -3.46 -7.51 13.02
CA LEU F 73 -2.17 -7.72 12.37
C LEU F 73 -1.91 -6.62 11.35
N ARG F 74 -0.69 -6.12 11.33
CA ARG F 74 -0.28 -5.07 10.42
C ARG F 74 0.68 -5.64 9.39
N LEU F 75 0.30 -5.59 8.12
CA LEU F 75 1.07 -6.22 7.05
C LEU F 75 1.91 -5.20 6.28
N ARG F 76 2.74 -5.71 5.41
CA ARG F 76 3.54 -4.88 4.57
C ARG F 76 2.69 -4.26 3.45
N GLY F 77 2.47 -2.95 3.57
CA GLY F 77 1.46 -2.26 2.78
C GLY F 77 -0.04 -2.02 2.91
N GLY F 78 -0.59 -2.19 4.11
CA GLY F 78 -2.00 -2.46 4.42
C GLY F 78 -2.25 -3.54 5.46
N MET G 3 -13.72 34.39 20.24
CA MET G 3 -12.84 33.24 20.32
C MET G 3 -13.03 32.31 19.12
N GLN G 4 -11.94 31.83 18.55
CA GLN G 4 -12.02 30.88 17.45
C GLN G 4 -11.63 29.47 17.91
N ILE G 5 -12.52 28.51 17.68
CA ILE G 5 -12.21 27.11 17.93
C ILE G 5 -11.97 26.40 16.61
N PHE G 6 -11.40 25.20 16.68
CA PHE G 6 -11.24 24.37 15.49
C PHE G 6 -12.19 23.19 15.54
N VAL G 7 -12.65 22.74 14.38
CA VAL G 7 -13.39 21.50 14.29
C VAL G 7 -12.67 20.56 13.35
N LYS G 8 -12.15 19.48 13.91
CA LYS G 8 -11.26 18.59 13.18
C LYS G 8 -11.99 17.31 12.86
N THR G 9 -11.75 16.78 11.66
CA THR G 9 -12.32 15.50 11.28
C THR G 9 -11.23 14.43 11.35
N LEU G 10 -11.63 13.17 11.27
CA LEU G 10 -10.70 12.05 11.41
C LEU G 10 -9.57 12.06 10.38
N THR G 11 -9.85 12.63 9.21
CA THR G 11 -8.85 12.69 8.14
C THR G 11 -7.87 13.82 8.40
N GLY G 12 -8.03 14.56 9.49
CA GLY G 12 -7.11 15.68 9.75
C GLY G 12 -7.50 17.01 9.12
N LYS G 13 -8.71 17.00 8.57
CA LYS G 13 -9.34 18.03 7.76
C LYS G 13 -10.09 18.93 8.73
N THR G 14 -9.92 20.24 8.59
CA THR G 14 -10.31 21.09 9.69
C THR G 14 -11.04 22.35 9.27
N ILE G 15 -11.91 22.81 10.15
CA ILE G 15 -12.59 24.08 9.92
C ILE G 15 -12.37 24.97 11.16
N THR G 16 -12.28 26.27 10.92
CA THR G 16 -12.23 27.27 11.99
C THR G 16 -13.63 27.84 12.22
N LEU G 17 -13.89 28.26 13.45
CA LEU G 17 -15.21 28.78 13.81
C LEU G 17 -15.11 29.90 14.84
N GLU G 18 -15.78 31.02 14.55
CA GLU G 18 -15.93 32.09 15.53
C GLU G 18 -17.15 31.82 16.40
N VAL G 19 -16.92 31.70 17.70
CA VAL G 19 -17.98 31.32 18.63
C VAL G 19 -17.94 32.12 19.94
N GLU G 20 -19.00 31.96 20.72
CA GLU G 20 -19.06 32.53 22.05
C GLU G 20 -19.18 31.40 23.07
N PRO G 21 -18.64 31.62 24.28
CA PRO G 21 -18.71 30.61 25.34
C PRO G 21 -20.16 30.23 25.65
N SER G 22 -21.08 31.11 25.28
CA SER G 22 -22.50 30.89 25.59
C SER G 22 -23.23 30.15 24.47
N ASP G 23 -22.56 29.92 23.35
CA ASP G 23 -23.16 29.18 22.26
C ASP G 23 -23.41 27.74 22.67
N THR G 24 -24.53 27.17 22.23
CA THR G 24 -24.84 25.78 22.52
C THR G 24 -24.18 24.87 21.49
N ILE G 25 -24.13 23.58 21.79
CA ILE G 25 -23.56 22.61 20.85
C ILE G 25 -24.39 22.59 19.59
N GLU G 26 -25.71 22.69 19.74
CA GLU G 26 -26.61 22.72 18.61
C GLU G 26 -26.30 23.92 17.72
N ASN G 27 -26.00 25.05 18.34
CA ASN G 27 -25.60 26.25 17.61
C ASN G 27 -24.33 25.98 16.78
N VAL G 28 -23.34 25.34 17.40
CA VAL G 28 -22.10 25.02 16.70
C VAL G 28 -22.34 24.09 15.52
N LYS G 29 -23.23 23.12 15.70
CA LYS G 29 -23.57 22.19 14.63
C LYS G 29 -24.26 22.92 13.48
N ALA G 30 -25.03 23.94 13.83
CA ALA G 30 -25.71 24.78 12.85
C ALA G 30 -24.69 25.52 12.00
N LYS G 31 -23.67 26.08 12.65
CA LYS G 31 -22.61 26.81 11.96
C LYS G 31 -21.83 25.86 11.05
N ILE G 32 -21.69 24.62 11.49
CA ILE G 32 -21.00 23.61 10.70
C ILE G 32 -21.81 23.25 9.46
N GLN G 33 -23.13 23.18 9.61
CA GLN G 33 -24.01 22.94 8.46
C GLN G 33 -23.92 24.09 7.46
N ASP G 34 -23.88 25.31 7.98
CA ASP G 34 -23.78 26.49 7.14
C ASP G 34 -22.50 26.48 6.32
N LYS G 35 -21.44 25.93 6.90
CA LYS G 35 -20.13 25.95 6.26
C LYS G 35 -19.87 24.71 5.40
N GLU G 36 -20.34 23.55 5.87
CA GLU G 36 -19.98 22.27 5.25
C GLU G 36 -21.18 21.49 4.70
N GLY G 37 -22.38 21.94 5.01
CA GLY G 37 -23.59 21.33 4.47
C GLY G 37 -23.91 19.97 5.07
N ILE G 38 -23.44 19.75 6.29
CA ILE G 38 -23.71 18.52 7.01
C ILE G 38 -24.81 18.76 8.04
N PRO G 39 -25.90 17.97 7.96
CA PRO G 39 -27.03 18.11 8.88
C PRO G 39 -26.60 17.86 10.32
N PRO G 40 -27.05 18.73 11.25
CA PRO G 40 -26.73 18.61 12.69
C PRO G 40 -26.98 17.21 13.25
N ASP G 41 -27.98 16.52 12.72
CA ASP G 41 -28.34 15.20 13.22
C ASP G 41 -27.33 14.13 12.77
N GLN G 42 -26.49 14.48 11.80
CA GLN G 42 -25.45 13.57 11.33
C GLN G 42 -24.09 13.95 11.91
N GLN G 43 -24.09 14.92 12.80
CA GLN G 43 -22.85 15.38 13.42
C GLN G 43 -22.74 14.88 14.84
N ARG G 44 -21.57 14.36 15.17
CA ARG G 44 -21.23 14.09 16.55
C ARG G 44 -19.98 14.88 16.89
N LEU G 45 -20.09 15.77 17.87
CA LEU G 45 -18.95 16.56 18.31
C LEU G 45 -18.34 15.99 19.57
N ILE G 46 -17.01 15.97 19.62
CA ILE G 46 -16.28 15.43 20.76
C ILE G 46 -15.26 16.45 21.29
N PHE G 47 -15.16 16.56 22.60
CA PHE G 47 -14.11 17.35 23.23
C PHE G 47 -13.56 16.66 24.47
N ALA G 48 -12.24 16.47 24.48
CA ALA G 48 -11.57 15.80 25.59
C ALA G 48 -12.16 14.41 25.86
N GLY G 49 -12.44 13.68 24.78
CA GLY G 49 -12.97 12.34 24.89
C GLY G 49 -14.43 12.29 25.29
N LYS G 50 -15.04 13.46 25.45
CA LYS G 50 -16.46 13.54 25.82
C LYS G 50 -17.36 13.78 24.61
N GLN G 51 -18.51 13.12 24.59
CA GLN G 51 -19.54 13.40 23.60
C GLN G 51 -20.28 14.66 24.03
N LEU G 52 -20.34 15.66 23.15
CA LEU G 52 -20.96 16.94 23.47
C LEU G 52 -22.46 16.92 23.23
N GLU G 53 -23.21 17.49 24.17
CA GLU G 53 -24.67 17.46 24.11
C GLU G 53 -25.26 18.76 23.55
N ASP G 54 -26.13 18.62 22.56
CA ASP G 54 -26.72 19.75 21.85
C ASP G 54 -27.16 20.91 22.74
N GLY G 55 -27.81 20.59 23.85
CA GLY G 55 -28.41 21.60 24.72
C GLY G 55 -27.43 22.42 25.54
N ARG G 56 -26.23 21.89 25.74
CA ARG G 56 -25.23 22.54 26.58
C ARG G 56 -24.39 23.56 25.82
N THR G 57 -23.67 24.39 26.56
CA THR G 57 -22.85 25.45 25.97
C THR G 57 -21.38 25.05 25.91
N LEU G 58 -20.57 25.88 25.26
CA LEU G 58 -19.13 25.64 25.16
C LEU G 58 -18.47 25.86 26.52
N SER G 59 -19.00 26.81 27.28
CA SER G 59 -18.48 27.12 28.60
C SER G 59 -18.76 25.98 29.58
N ASP G 60 -19.90 25.32 29.38
CA ASP G 60 -20.25 24.16 30.19
C ASP G 60 -19.15 23.11 30.14
N TYR G 61 -18.51 22.99 28.98
CA TYR G 61 -17.43 22.03 28.79
C TYR G 61 -16.07 22.68 28.97
N ASN G 62 -16.09 23.96 29.34
CA ASN G 62 -14.87 24.72 29.54
C ASN G 62 -13.99 24.75 28.30
N ILE G 63 -14.63 24.86 27.14
CA ILE G 63 -13.92 24.99 25.87
C ILE G 63 -13.28 26.37 25.78
N GLN G 64 -11.98 26.39 25.49
CA GLN G 64 -11.23 27.63 25.50
C GLN G 64 -10.93 28.14 24.09
N LYS G 65 -10.37 29.34 24.00
CA LYS G 65 -9.97 29.88 22.72
C LYS G 65 -8.94 28.96 22.09
N GLU G 66 -9.10 28.72 20.79
CA GLU G 66 -8.18 27.87 20.04
C GLU G 66 -8.29 26.40 20.42
N SER G 67 -9.33 26.07 21.19
CA SER G 67 -9.61 24.67 21.48
C SER G 67 -10.03 23.95 20.20
N THR G 68 -9.82 22.64 20.16
CA THR G 68 -10.20 21.86 19.00
C THR G 68 -11.34 20.91 19.33
N LEU G 69 -12.39 20.96 18.54
CA LEU G 69 -13.48 20.00 18.65
C LEU G 69 -13.29 18.93 17.59
N HIS G 70 -13.63 17.69 17.93
CA HIS G 70 -13.58 16.63 16.95
C HIS G 70 -14.97 16.33 16.40
N LEU G 71 -15.08 16.36 15.08
CA LEU G 71 -16.35 16.09 14.40
C LEU G 71 -16.33 14.68 13.84
N VAL G 72 -17.38 13.92 14.15
CA VAL G 72 -17.52 12.56 13.65
C VAL G 72 -18.89 12.34 13.02
N LEU G 73 -18.91 11.59 11.92
CA LEU G 73 -20.15 11.30 11.21
C LEU G 73 -21.07 10.40 12.02
N ARG G 74 -22.30 10.88 12.22
CA ARG G 74 -23.29 10.14 13.00
C ARG G 74 -24.37 9.54 12.10
N LEU G 75 -24.20 8.28 11.72
CA LEU G 75 -25.23 7.57 10.98
C LEU G 75 -26.40 7.23 11.91
N ARG G 76 -27.48 7.97 11.76
CA ARG G 76 -28.64 7.82 12.64
C ARG G 76 -29.21 6.40 12.65
N GLY G 77 -29.45 5.87 13.85
CA GLY G 77 -29.96 4.52 14.00
C GLY G 77 -31.32 4.34 13.34
N HIS H 2 -25.30 -11.39 -6.04
CA HIS H 2 -25.06 -10.21 -5.21
C HIS H 2 -24.53 -10.61 -3.83
N MET H 3 -23.53 -9.88 -3.35
CA MET H 3 -22.96 -10.14 -2.05
C MET H 3 -23.34 -9.04 -1.07
N GLN H 4 -23.35 -9.36 0.22
CA GLN H 4 -23.64 -8.38 1.25
C GLN H 4 -22.37 -7.83 1.86
N ILE H 5 -22.33 -6.52 2.09
CA ILE H 5 -21.20 -5.88 2.76
C ILE H 5 -21.70 -4.87 3.78
N PHE H 6 -20.85 -4.57 4.76
CA PHE H 6 -21.19 -3.61 5.79
C PHE H 6 -20.40 -2.32 5.60
N VAL H 7 -21.01 -1.21 5.97
CA VAL H 7 -20.31 0.07 6.02
C VAL H 7 -20.39 0.62 7.43
N LYS H 8 -19.23 0.84 8.03
CA LYS H 8 -19.13 1.16 9.44
C LYS H 8 -18.50 2.55 9.64
N THR H 9 -19.14 3.36 10.47
CA THR H 9 -18.60 4.69 10.78
C THR H 9 -17.89 4.66 12.13
N LEU H 10 -17.28 5.79 12.48
CA LEU H 10 -16.58 5.92 13.75
C LEU H 10 -17.54 5.66 14.91
N THR H 11 -18.76 6.18 14.78
CA THR H 11 -19.77 6.05 15.84
C THR H 11 -20.20 4.60 16.06
N GLY H 12 -19.64 3.68 15.30
CA GLY H 12 -19.95 2.27 15.44
C GLY H 12 -21.13 1.83 14.61
N LYS H 13 -22.10 2.73 14.43
CA LYS H 13 -23.30 2.43 13.65
C LYS H 13 -22.92 1.77 12.32
N THR H 14 -23.65 0.71 11.97
CA THR H 14 -23.36 -0.04 10.75
C THR H 14 -24.59 -0.19 9.86
N ILE H 15 -24.39 -0.05 8.56
CA ILE H 15 -25.43 -0.33 7.58
C ILE H 15 -24.98 -1.46 6.67
N THR H 16 -25.94 -2.21 6.13
CA THR H 16 -25.63 -3.30 5.22
C THR H 16 -25.98 -2.92 3.78
N LEU H 17 -25.19 -3.40 2.84
CA LEU H 17 -25.40 -3.09 1.43
C LEU H 17 -25.28 -4.33 0.56
N GLU H 18 -26.19 -4.48 -0.39
CA GLU H 18 -26.08 -5.52 -1.39
C GLU H 18 -25.35 -4.96 -2.61
N VAL H 19 -24.23 -5.58 -2.96
CA VAL H 19 -23.37 -5.07 -4.03
C VAL H 19 -22.90 -6.18 -4.96
N GLU H 20 -22.16 -5.78 -5.99
CA GLU H 20 -21.53 -6.72 -6.91
C GLU H 20 -20.04 -6.41 -6.97
N PRO H 21 -19.21 -7.43 -7.22
CA PRO H 21 -17.76 -7.25 -7.26
C PRO H 21 -17.34 -6.21 -8.30
N SER H 22 -18.17 -6.00 -9.31
CA SER H 22 -17.86 -5.06 -10.37
C SER H 22 -18.30 -3.63 -10.06
N ASP H 23 -19.04 -3.46 -8.97
CA ASP H 23 -19.45 -2.12 -8.53
C ASP H 23 -18.25 -1.25 -8.23
N THR H 24 -18.24 -0.04 -8.79
CA THR H 24 -17.19 0.93 -8.50
C THR H 24 -17.40 1.51 -7.11
N ILE H 25 -16.34 2.07 -6.53
CA ILE H 25 -16.44 2.70 -5.22
C ILE H 25 -17.45 3.83 -5.26
N GLU H 26 -17.47 4.57 -6.36
CA GLU H 26 -18.44 5.63 -6.56
C GLU H 26 -19.86 5.07 -6.48
N ASN H 27 -20.05 3.90 -7.10
CA ASN H 27 -21.32 3.18 -7.00
C ASN H 27 -21.70 2.98 -5.54
N VAL H 28 -20.75 2.43 -4.78
CA VAL H 28 -20.96 2.15 -3.37
C VAL H 28 -21.35 3.41 -2.62
N LYS H 29 -20.64 4.51 -2.87
CA LYS H 29 -20.97 5.78 -2.25
C LYS H 29 -22.40 6.23 -2.58
N ALA H 30 -22.82 5.96 -3.82
CA ALA H 30 -24.19 6.28 -4.24
C ALA H 30 -25.19 5.47 -3.43
N LYS H 31 -24.88 4.19 -3.22
CA LYS H 31 -25.74 3.33 -2.44
C LYS H 31 -25.82 3.79 -0.98
N ILE H 32 -24.70 4.24 -0.44
CA ILE H 32 -24.68 4.79 0.90
C ILE H 32 -25.57 6.04 0.97
N GLN H 33 -25.50 6.88 -0.05
CA GLN H 33 -26.36 8.06 -0.12
C GLN H 33 -27.81 7.65 -0.14
N ASP H 34 -28.12 6.61 -0.90
CA ASP H 34 -29.49 6.10 -1.02
C ASP H 34 -30.10 5.79 0.35
N LYS H 35 -29.25 5.38 1.29
CA LYS H 35 -29.72 4.97 2.61
C LYS H 35 -29.59 6.07 3.65
N GLU H 36 -28.53 6.88 3.55
CA GLU H 36 -28.19 7.81 4.62
C GLU H 36 -28.29 9.28 4.21
N GLY H 37 -28.48 9.53 2.92
CA GLY H 37 -28.60 10.88 2.44
C GLY H 37 -27.30 11.66 2.50
N ILE H 38 -26.21 10.95 2.79
CA ILE H 38 -24.89 11.56 2.78
C ILE H 38 -24.36 11.61 1.36
N PRO H 39 -24.12 12.82 0.84
CA PRO H 39 -23.59 12.97 -0.52
C PRO H 39 -22.32 12.16 -0.69
N PRO H 40 -22.07 11.65 -1.89
CA PRO H 40 -20.82 10.92 -2.14
C PRO H 40 -19.58 11.78 -1.91
N ASP H 41 -19.68 13.08 -2.18
CA ASP H 41 -18.53 13.97 -2.02
C ASP H 41 -18.17 14.21 -0.55
N GLN H 42 -19.10 13.93 0.35
CA GLN H 42 -18.83 14.05 1.78
C GLN H 42 -18.45 12.69 2.37
N GLN H 43 -18.18 11.74 1.49
CA GLN H 43 -17.83 10.40 1.92
C GLN H 43 -16.41 10.07 1.52
N ARG H 44 -15.66 9.53 2.48
CA ARG H 44 -14.39 8.90 2.19
C ARG H 44 -14.51 7.45 2.62
N LEU H 45 -14.05 6.53 1.76
CA LEU H 45 -14.15 5.11 2.10
C LEU H 45 -12.78 4.48 2.35
N ILE H 46 -12.71 3.71 3.43
CA ILE H 46 -11.49 2.99 3.83
C ILE H 46 -11.78 1.51 3.99
N PHE H 47 -10.82 0.68 3.59
CA PHE H 47 -10.91 -0.76 3.79
C PHE H 47 -9.54 -1.38 4.06
N ALA H 48 -9.43 -2.10 5.17
CA ALA H 48 -8.17 -2.74 5.54
C ALA H 48 -7.03 -1.73 5.61
N GLY H 49 -7.36 -0.47 5.85
CA GLY H 49 -6.36 0.58 5.95
C GLY H 49 -6.11 1.31 4.64
N LYS H 50 -6.64 0.76 3.56
CA LYS H 50 -6.51 1.39 2.25
C LYS H 50 -7.67 2.33 1.92
N GLN H 51 -7.35 3.57 1.61
CA GLN H 51 -8.34 4.52 1.11
C GLN H 51 -8.78 4.09 -0.29
N LEU H 52 -10.09 3.99 -0.49
CA LEU H 52 -10.63 3.52 -1.76
C LEU H 52 -10.87 4.67 -2.74
N GLU H 53 -10.65 4.41 -4.02
CA GLU H 53 -10.80 5.42 -5.05
C GLU H 53 -12.10 5.24 -5.84
N ASP H 54 -12.75 6.36 -6.18
CA ASP H 54 -14.05 6.33 -6.85
C ASP H 54 -14.10 5.46 -8.10
N GLY H 55 -13.00 5.45 -8.86
CA GLY H 55 -12.96 4.79 -10.14
C GLY H 55 -12.83 3.27 -10.08
N ARG H 56 -12.35 2.74 -8.96
CA ARG H 56 -12.07 1.32 -8.85
C ARG H 56 -13.26 0.50 -8.37
N THR H 57 -13.18 -0.82 -8.59
CA THR H 57 -14.26 -1.73 -8.22
C THR H 57 -13.96 -2.42 -6.89
N LEU H 58 -14.97 -3.08 -6.33
CA LEU H 58 -14.79 -3.84 -5.10
C LEU H 58 -13.86 -5.04 -5.33
N SER H 59 -13.85 -5.55 -6.56
CA SER H 59 -12.99 -6.68 -6.89
C SER H 59 -11.54 -6.24 -7.02
N ASP H 60 -11.34 -4.98 -7.39
CA ASP H 60 -10.00 -4.41 -7.47
C ASP H 60 -9.34 -4.41 -6.08
N TYR H 61 -10.18 -4.25 -5.06
CA TYR H 61 -9.68 -4.26 -3.68
C TYR H 61 -10.00 -5.58 -2.98
N ASN H 62 -10.45 -6.56 -3.75
CA ASN H 62 -10.67 -7.90 -3.23
C ASN H 62 -11.69 -7.92 -2.09
N ILE H 63 -12.64 -6.99 -2.15
CA ILE H 63 -13.71 -6.90 -1.16
C ILE H 63 -14.72 -8.02 -1.36
N GLN H 64 -14.85 -8.87 -0.35
CA GLN H 64 -15.72 -10.04 -0.42
C GLN H 64 -16.98 -9.90 0.42
N LYS H 65 -17.83 -10.93 0.37
CA LYS H 65 -19.08 -10.91 1.11
C LYS H 65 -18.87 -10.76 2.61
N GLU H 66 -19.76 -10.00 3.24
CA GLU H 66 -19.72 -9.78 4.68
C GLU H 66 -18.56 -8.88 5.13
N SER H 67 -17.85 -8.30 4.17
CA SER H 67 -16.78 -7.36 4.48
C SER H 67 -17.35 -6.11 5.13
N THR H 68 -16.51 -5.37 5.84
CA THR H 68 -16.96 -4.15 6.51
C THR H 68 -16.08 -2.96 6.15
N LEU H 69 -16.54 -2.14 5.21
CA LEU H 69 -15.83 -0.92 4.84
C LEU H 69 -15.99 0.12 5.95
N HIS H 70 -15.08 1.09 5.96
CA HIS H 70 -15.16 2.17 6.93
C HIS H 70 -15.44 3.50 6.25
N LEU H 71 -16.58 4.10 6.61
CA LEU H 71 -16.96 5.40 6.08
C LEU H 71 -16.46 6.51 6.99
N VAL H 72 -15.74 7.45 6.41
CA VAL H 72 -15.27 8.63 7.14
C VAL H 72 -15.71 9.91 6.45
N LEU H 73 -16.18 10.86 7.24
CA LEU H 73 -16.65 12.13 6.71
C LEU H 73 -15.54 12.87 5.96
N ARG H 74 -15.89 13.38 4.78
CA ARG H 74 -14.99 14.20 3.97
C ARG H 74 -15.54 15.62 3.86
N LEU H 75 -14.77 16.59 4.33
CA LEU H 75 -15.21 17.98 4.27
C LEU H 75 -15.02 18.60 2.88
N ARG H 76 -15.77 19.68 2.62
CA ARG H 76 -15.66 20.42 1.36
C ARG H 76 -14.21 20.60 0.95
N GLY H 77 -13.92 20.13 -0.25
CA GLY H 77 -12.58 20.19 -0.77
C GLY H 77 -11.71 19.04 -0.31
N GLY H 78 -12.17 18.14 0.58
CA GLY H 78 -11.18 17.13 0.88
C GLY H 78 -10.53 17.35 2.23
S SO4 I . 9.89 -7.74 10.94
O1 SO4 I . 10.11 -7.78 9.50
O2 SO4 I . 8.52 -7.35 11.23
O3 SO4 I . 10.14 -9.07 11.49
O4 SO4 I . 10.81 -6.80 11.56
S SO4 J . 14.69 -0.47 -13.15
O1 SO4 J . 15.26 -0.02 -14.42
O2 SO4 J . 13.28 -0.78 -13.32
O3 SO4 J . 15.41 -1.65 -12.70
O4 SO4 J . 14.85 0.59 -12.16
S SO4 K . 21.13 -7.05 11.47
O1 SO4 K . 21.97 -6.00 10.91
O2 SO4 K . 19.89 -7.15 10.70
O3 SO4 K . 21.84 -8.33 11.38
O4 SO4 K . 20.82 -6.75 12.85
S SO4 L . 2.39 24.52 16.02
O1 SO4 L . 3.04 25.83 16.18
O2 SO4 L . 0.93 24.67 15.94
O3 SO4 L . 2.87 23.87 14.80
O4 SO4 L . 2.72 23.69 17.20
S SO4 M . 13.09 -4.37 -36.55
O1 SO4 M . 13.94 -3.19 -36.73
O2 SO4 M . 11.89 -4.24 -37.39
O3 SO4 M . 13.84 -5.56 -36.97
O4 SO4 M . 12.71 -4.50 -35.14
S SO4 N . 4.54 -16.44 -4.34
O1 SO4 N . 4.92 -15.14 -4.92
O2 SO4 N . 3.21 -16.32 -3.73
O3 SO4 N . 4.52 -17.46 -5.39
O4 SO4 N . 5.51 -16.86 -3.32
S SO4 O . -12.03 11.22 -1.59
O1 SO4 O . -11.16 10.97 -2.75
O2 SO4 O . -13.43 11.23 -2.00
O3 SO4 O . -11.80 10.15 -0.60
O4 SO4 O . -11.70 12.52 -1.00
#